data_4KLX
#
_entry.id   4KLX
#
_cell.length_a   32.410
_cell.length_b   63.060
_cell.length_c   78.160
_cell.angle_alpha   90.000
_cell.angle_beta   100.820
_cell.angle_gamma   90.000
#
_symmetry.space_group_name_H-M   'P 1 21 1'
#
loop_
_entity.id
_entity.type
_entity.pdbx_description
1 polymer 'Dihydrofolate reductase'
2 non-polymer "2'-MONOPHOSPHOADENOSINE-5'-DIPHOSPHATE"
3 non-polymer 2-{2-[2-2-(METHOXY-ETHOXY)-ETHOXY]-ETHOXY}-ETHANOL
4 water water
#
_entity_poly.entity_id   1
_entity_poly.type   'polypeptide(L)'
_entity_poly.pdbx_seq_one_letter_code
;MGSSHHHHHHSSGLVPRGSHMVGLIWAQATSGVIGRGGDIPWRLPEDQAHFREITMGHTIVMGRRTWDSLPAKVRPLPGR
RNVVLSRQADFMASGAEVVGSLEEALTSPETWVIGGGQVYALALPYATRCEVTEVDIGLPREAGDALAPVLDETWRGETG
EWRFSRSGLRYRLYSYHRS
;
_entity_poly.pdbx_strand_id   A,B
#
loop_
_chem_comp.id
_chem_comp.type
_chem_comp.name
_chem_comp.formula
ATR non-polymer 2'-MONOPHOSPHOADENOSINE-5'-DIPHOSPHATE 'C10 H16 N5 O13 P3'
ETE non-polymer 2-{2-[2-2-(METHOXY-ETHOXY)-ETHOXY]-ETHOXY}-ETHANOL 'C9 H20 O5'
#
# COMPACT_ATOMS: atom_id res chain seq x y z
N SER A 19 3.72 1.56 -1.90
CA SER A 19 3.79 2.99 -1.87
C SER A 19 2.42 3.61 -1.83
N HIS A 20 1.71 3.71 -2.96
CA HIS A 20 0.51 4.53 -2.93
C HIS A 20 -0.37 4.53 -4.15
N MET A 21 -0.63 5.71 -4.79
CA MET A 21 -1.81 5.83 -5.70
C MET A 21 -1.52 5.18 -7.04
N VAL A 22 -2.20 4.07 -7.32
CA VAL A 22 -2.07 3.36 -8.62
C VAL A 22 -3.28 3.66 -9.52
N GLY A 23 -2.99 4.20 -10.72
CA GLY A 23 -4.01 4.51 -11.75
C GLY A 23 -3.75 3.70 -13.00
N LEU A 24 -4.82 3.48 -13.74
CA LEU A 24 -4.70 3.02 -15.18
C LEU A 24 -5.15 4.15 -16.07
N ILE A 25 -4.50 4.29 -17.22
CA ILE A 25 -4.90 5.24 -18.25
C ILE A 25 -4.84 4.64 -19.59
N TRP A 26 -5.94 4.85 -20.38
CA TRP A 26 -6.01 4.31 -21.75
C TRP A 26 -7.02 5.06 -22.57
N ALA A 27 -7.06 4.81 -23.88
CA ALA A 27 -8.04 5.41 -24.81
C ALA A 27 -8.59 4.28 -25.65
N GLN A 28 -9.92 4.19 -25.72
CA GLN A 28 -10.54 3.00 -26.32
C GLN A 28 -11.65 3.52 -27.33
N ALA A 29 -11.89 2.77 -28.41
CA ALA A 29 -13.16 2.95 -29.15
C ALA A 29 -14.30 2.56 -28.20
N THR A 30 -15.54 2.91 -28.58
CA THR A 30 -16.71 2.56 -27.78
C THR A 30 -16.71 1.04 -27.52
N SER A 31 -16.23 0.18 -28.45
CA SER A 31 -16.29 -1.31 -28.37
C SER A 31 -15.27 -1.82 -27.36
N GLY A 32 -14.31 -1.03 -26.94
CA GLY A 32 -13.20 -1.42 -26.07
C GLY A 32 -11.90 -1.67 -26.84
N VAL A 33 -11.85 -1.55 -28.18
CA VAL A 33 -10.58 -1.69 -28.93
C VAL A 33 -9.64 -0.54 -28.56
N ILE A 34 -8.41 -0.84 -28.09
CA ILE A 34 -7.39 0.14 -27.81
C ILE A 34 -6.29 0.12 -28.85
N GLY A 35 -6.11 -1.00 -29.58
CA GLY A 35 -5.06 -1.08 -30.57
C GLY A 35 -5.44 -2.19 -31.60
N ARG A 36 -4.98 -1.99 -32.83
CA ARG A 36 -5.21 -2.91 -33.91
C ARG A 36 -4.07 -2.76 -34.90
N GLY A 37 -3.49 -3.90 -35.29
CA GLY A 37 -2.38 -3.85 -36.26
C GLY A 37 -1.18 -3.12 -35.67
N GLY A 38 -1.11 -3.03 -34.34
CA GLY A 38 0.01 -2.48 -33.62
C GLY A 38 -0.05 -0.92 -33.57
N ASP A 39 -1.17 -0.32 -33.96
CA ASP A 39 -1.40 1.08 -33.99
C ASP A 39 -2.58 1.52 -33.12
N ILE A 40 -2.47 2.79 -32.74
CA ILE A 40 -3.64 3.42 -32.11
C ILE A 40 -4.61 3.58 -33.38
N PRO A 41 -5.89 3.21 -33.30
CA PRO A 41 -6.77 3.07 -34.50
C PRO A 41 -7.50 4.35 -34.96
N TRP A 42 -6.96 5.46 -34.55
CA TRP A 42 -7.49 6.85 -34.81
C TRP A 42 -6.37 7.83 -34.61
N ARG A 43 -6.62 9.08 -34.98
CA ARG A 43 -5.67 10.20 -34.87
C ARG A 43 -6.32 11.24 -33.98
N LEU A 44 -5.78 11.43 -32.78
CA LEU A 44 -6.46 12.33 -31.77
C LEU A 44 -5.45 13.16 -30.90
N PRO A 45 -4.88 14.24 -31.44
CA PRO A 45 -3.83 14.94 -30.71
C PRO A 45 -4.33 15.41 -29.36
N GLU A 46 -5.65 15.70 -29.18
CA GLU A 46 -6.08 16.27 -27.93
C GLU A 46 -5.86 15.15 -26.86
N ASP A 47 -5.96 13.86 -27.24
CA ASP A 47 -5.78 12.73 -26.29
C ASP A 47 -4.30 12.61 -25.90
N GLN A 48 -3.36 12.98 -26.79
CA GLN A 48 -1.97 13.09 -26.40
C GLN A 48 -1.75 14.14 -25.32
N ALA A 49 -2.43 15.27 -25.49
CA ALA A 49 -2.40 16.33 -24.47
C ALA A 49 -3.02 15.86 -23.16
N HIS A 50 -4.13 15.10 -23.27
CA HIS A 50 -4.71 14.58 -22.08
C HIS A 50 -3.85 13.52 -21.32
N PHE A 51 -3.22 12.66 -22.09
CA PHE A 51 -2.34 11.66 -21.48
C PHE A 51 -1.19 12.42 -20.75
N ARG A 52 -0.59 13.45 -21.39
CA ARG A 52 0.47 14.19 -20.71
C ARG A 52 -0.06 14.82 -19.45
N GLU A 53 -1.23 15.49 -19.48
CA GLU A 53 -1.65 16.32 -18.33
C GLU A 53 -1.93 15.37 -17.13
N ILE A 54 -2.34 14.10 -17.40
CA ILE A 54 -2.69 13.20 -16.27
C ILE A 54 -1.35 12.68 -15.70
N THR A 55 -0.40 12.36 -16.56
CA THR A 55 0.82 11.61 -16.15
C THR A 55 1.97 12.43 -15.77
N MET A 56 1.99 13.69 -16.21
CA MET A 56 3.12 14.60 -16.00
C MET A 56 3.52 14.76 -14.57
N GLY A 57 4.82 14.62 -14.30
CA GLY A 57 5.37 14.72 -12.92
C GLY A 57 5.22 13.48 -12.05
N HIS A 58 4.60 12.43 -12.59
CA HIS A 58 4.38 11.15 -11.88
C HIS A 58 5.19 10.01 -12.52
N THR A 59 5.03 8.82 -11.98
CA THR A 59 5.61 7.62 -12.51
C THR A 59 4.70 7.01 -13.57
N ILE A 60 5.24 6.56 -14.66
CA ILE A 60 4.53 5.67 -15.63
C ILE A 60 5.15 4.29 -15.66
N VAL A 61 4.29 3.27 -15.69
CA VAL A 61 4.70 1.90 -15.77
C VAL A 61 4.19 1.27 -17.02
N MET A 62 5.08 0.58 -17.72
CA MET A 62 4.77 -0.07 -18.99
C MET A 62 5.40 -1.42 -19.12
N GLY A 63 4.83 -2.32 -19.88
CA GLY A 63 5.49 -3.64 -20.11
C GLY A 63 6.62 -3.45 -21.12
N ARG A 64 7.53 -4.44 -21.18
CA ARG A 64 8.67 -4.37 -22.05
C ARG A 64 8.23 -4.27 -23.52
N ARG A 65 7.17 -4.96 -23.92
CA ARG A 65 6.76 -4.91 -25.32
C ARG A 65 6.27 -3.50 -25.65
N THR A 66 5.54 -2.85 -24.76
CA THR A 66 5.13 -1.44 -24.97
C THR A 66 6.33 -0.54 -25.14
N TRP A 67 7.33 -0.63 -24.25
CA TRP A 67 8.54 0.14 -24.36
C TRP A 67 9.19 -0.02 -25.76
N ASP A 68 9.29 -1.29 -26.14
CA ASP A 68 9.92 -1.72 -27.44
C ASP A 68 9.16 -1.10 -28.61
N SER A 69 7.85 -0.92 -28.51
CA SER A 69 7.06 -0.34 -29.61
C SER A 69 7.24 1.20 -29.73
N LEU A 70 7.70 1.94 -28.70
CA LEU A 70 7.83 3.38 -28.75
C LEU A 70 8.99 3.75 -29.66
N PRO A 71 8.93 4.92 -30.36
CA PRO A 71 10.16 5.34 -31.11
C PRO A 71 11.37 5.53 -30.24
N ALA A 72 12.54 5.20 -30.78
CA ALA A 72 13.82 5.29 -30.02
C ALA A 72 14.07 6.68 -29.50
N LYS A 73 13.64 7.74 -30.23
CA LYS A 73 13.96 9.11 -29.87
C LYS A 73 12.81 9.73 -29.08
N VAL A 74 11.77 8.93 -28.77
CA VAL A 74 10.61 9.39 -28.04
C VAL A 74 10.65 8.82 -26.60
N ARG A 75 11.14 7.60 -26.45
CA ARG A 75 11.29 6.94 -25.12
C ARG A 75 12.68 7.33 -24.50
N PRO A 76 12.75 7.56 -23.18
CA PRO A 76 11.62 7.63 -22.20
C PRO A 76 10.77 8.89 -22.38
N LEU A 77 9.51 8.80 -22.01
CA LEU A 77 8.59 9.95 -22.15
C LEU A 77 9.01 11.03 -21.12
N PRO A 78 9.30 12.28 -21.57
CA PRO A 78 9.98 13.23 -20.67
C PRO A 78 9.09 13.79 -19.53
N GLY A 79 9.69 14.12 -18.40
CA GLY A 79 9.00 14.76 -17.30
C GLY A 79 8.27 13.75 -16.39
N ARG A 80 8.51 12.45 -16.63
CA ARG A 80 7.88 11.41 -15.86
C ARG A 80 8.93 10.34 -15.60
N ARG A 81 8.86 9.74 -14.41
CA ARG A 81 9.71 8.57 -14.11
C ARG A 81 9.24 7.33 -14.90
N ASN A 82 10.02 6.88 -15.88
CA ASN A 82 9.53 5.77 -16.70
C ASN A 82 10.05 4.44 -16.12
N VAL A 83 9.15 3.49 -15.88
CA VAL A 83 9.41 2.16 -15.37
C VAL A 83 8.96 1.13 -16.33
N VAL A 84 9.90 0.23 -16.68
CA VAL A 84 9.67 -0.92 -17.60
C VAL A 84 9.64 -2.28 -16.90
N LEU A 85 8.55 -2.98 -16.97
CA LEU A 85 8.52 -4.32 -16.44
C LEU A 85 9.01 -5.36 -17.40
N SER A 86 9.98 -6.22 -16.99
CA SER A 86 10.55 -7.25 -17.84
C SER A 86 11.04 -8.37 -16.91
N ARG A 87 11.07 -9.58 -17.43
CA ARG A 87 11.72 -10.71 -16.73
C ARG A 87 13.23 -10.69 -17.02
N GLN A 88 13.77 -9.84 -17.94
CA GLN A 88 15.14 -9.89 -18.41
C GLN A 88 15.96 -8.88 -17.58
N ALA A 89 16.81 -9.38 -16.66
CA ALA A 89 17.68 -8.53 -15.84
C ALA A 89 18.64 -7.70 -16.67
N ASP A 90 19.02 -8.11 -17.91
CA ASP A 90 19.93 -7.40 -18.75
C ASP A 90 19.22 -6.55 -19.76
N PHE A 91 17.92 -6.34 -19.62
CA PHE A 91 17.23 -5.43 -20.59
C PHE A 91 17.77 -3.97 -20.50
N MET A 92 17.98 -3.34 -21.64
CA MET A 92 18.45 -1.93 -21.74
C MET A 92 17.28 -1.04 -22.01
N ALA A 93 16.90 -0.22 -21.04
CA ALA A 93 15.85 0.83 -21.26
C ALA A 93 16.53 2.13 -20.87
N SER A 94 17.32 2.64 -21.80
CA SER A 94 17.98 3.93 -21.62
C SER A 94 17.08 5.04 -21.12
N GLY A 95 17.49 5.59 -19.99
CA GLY A 95 16.75 6.70 -19.33
C GLY A 95 15.54 6.31 -18.48
N ALA A 96 15.27 5.00 -18.39
CA ALA A 96 14.20 4.43 -17.58
C ALA A 96 14.84 3.56 -16.55
N GLU A 97 14.02 2.91 -15.76
CA GLU A 97 14.47 1.82 -14.89
C GLU A 97 13.75 0.56 -15.21
N VAL A 98 14.31 -0.61 -14.92
CA VAL A 98 13.63 -1.91 -15.25
C VAL A 98 13.40 -2.60 -13.96
N VAL A 99 12.16 -3.05 -13.77
CA VAL A 99 11.80 -3.86 -12.63
C VAL A 99 11.36 -5.24 -13.12
N GLY A 100 11.47 -6.19 -12.21
CA GLY A 100 11.17 -7.56 -12.52
C GLY A 100 9.90 -8.12 -11.86
N SER A 101 9.16 -7.29 -11.12
CA SER A 101 7.86 -7.65 -10.63
C SER A 101 7.02 -6.36 -10.72
N LEU A 102 5.68 -6.57 -10.83
CA LEU A 102 4.75 -5.41 -10.80
C LEU A 102 4.82 -4.70 -9.47
N GLU A 103 4.89 -5.47 -8.40
CA GLU A 103 4.83 -4.80 -7.07
C GLU A 103 6.02 -3.87 -6.90
N GLU A 104 7.18 -4.24 -7.41
CA GLU A 104 8.28 -3.29 -7.42
C GLU A 104 8.07 -2.01 -8.26
N ALA A 105 7.29 -2.13 -9.33
CA ALA A 105 6.95 -0.99 -10.14
C ALA A 105 5.97 -0.02 -9.48
N LEU A 106 5.40 -0.35 -8.31
CA LEU A 106 4.41 0.51 -7.65
C LEU A 106 4.93 1.19 -6.38
N THR A 107 6.24 1.30 -6.25
CA THR A 107 6.80 1.86 -5.01
C THR A 107 6.71 3.41 -4.97
N SER A 108 6.58 4.05 -6.14
CA SER A 108 6.36 5.48 -6.26
CA SER A 108 6.38 5.50 -6.24
C SER A 108 5.09 6.01 -5.55
N PRO A 109 5.06 7.30 -5.19
CA PRO A 109 3.83 7.80 -4.55
C PRO A 109 2.59 7.81 -5.49
N GLU A 110 2.81 8.00 -6.76
CA GLU A 110 1.71 8.08 -7.76
C GLU A 110 2.16 7.47 -9.08
N THR A 111 1.47 6.39 -9.49
CA THR A 111 1.90 5.63 -10.65
C THR A 111 0.69 5.51 -11.59
N TRP A 112 0.97 5.70 -12.87
CA TRP A 112 -0.04 5.51 -13.99
C TRP A 112 0.50 4.38 -14.79
N VAL A 113 -0.29 3.29 -14.96
CA VAL A 113 0.01 2.13 -15.80
C VAL A 113 -0.55 2.43 -17.17
N ILE A 114 0.35 2.37 -18.17
CA ILE A 114 0.01 2.89 -19.53
C ILE A 114 -0.11 1.77 -20.57
N GLY A 115 0.08 0.50 -20.21
CA GLY A 115 -0.01 -0.68 -21.12
C GLY A 115 1.12 -1.68 -21.02
N GLY A 116 1.05 -2.83 -21.65
CA GLY A 116 -0.10 -3.22 -22.45
C GLY A 116 -0.97 -4.19 -21.74
N GLY A 117 -1.66 -5.02 -22.48
CA GLY A 117 -2.67 -5.89 -21.89
C GLY A 117 -2.15 -6.77 -20.75
N GLN A 118 -0.92 -7.27 -20.89
CA GLN A 118 -0.38 -8.14 -19.83
C GLN A 118 -0.16 -7.33 -18.56
N VAL A 119 0.35 -6.10 -18.66
CA VAL A 119 0.58 -5.29 -17.51
C VAL A 119 -0.76 -4.80 -16.90
N TYR A 120 -1.73 -4.42 -17.72
CA TYR A 120 -3.02 -4.02 -17.17
C TYR A 120 -3.64 -5.19 -16.34
N ALA A 121 -3.55 -6.43 -16.80
CA ALA A 121 -4.08 -7.58 -16.07
C ALA A 121 -3.39 -7.63 -14.69
N LEU A 122 -2.10 -7.47 -14.64
CA LEU A 122 -1.33 -7.56 -13.35
C LEU A 122 -1.64 -6.41 -12.43
N ALA A 123 -1.90 -5.26 -13.03
CA ALA A 123 -2.07 -4.05 -12.28
C ALA A 123 -3.49 -3.77 -11.77
N LEU A 124 -4.48 -4.23 -12.51
CA LEU A 124 -5.88 -3.93 -12.21
C LEU A 124 -6.26 -4.14 -10.70
N PRO A 125 -5.81 -5.29 -10.10
CA PRO A 125 -6.14 -5.46 -8.66
C PRO A 125 -5.58 -4.38 -7.72
N TYR A 126 -4.49 -3.71 -8.10
CA TYR A 126 -3.91 -2.62 -7.27
C TYR A 126 -4.49 -1.19 -7.49
N ALA A 127 -5.22 -1.06 -8.62
CA ALA A 127 -5.59 0.22 -9.15
C ALA A 127 -6.83 0.71 -8.41
N THR A 128 -6.76 2.02 -8.11
CA THR A 128 -7.90 2.73 -7.48
C THR A 128 -8.39 3.93 -8.30
N ARG A 129 -7.72 4.21 -9.43
CA ARG A 129 -8.20 5.20 -10.39
C ARG A 129 -8.04 4.70 -11.81
N CYS A 130 -9.04 5.06 -12.66
CA CYS A 130 -8.92 4.86 -14.11
C CYS A 130 -9.20 6.26 -14.76
N GLU A 131 -8.35 6.63 -15.72
CA GLU A 131 -8.61 7.83 -16.57
C GLU A 131 -8.68 7.30 -17.93
N VAL A 132 -9.88 7.41 -18.52
CA VAL A 132 -10.11 6.83 -19.80
C VAL A 132 -10.55 7.85 -20.84
N THR A 133 -10.20 7.68 -22.11
CA THR A 133 -10.79 8.45 -23.21
C THR A 133 -11.61 7.51 -24.03
N GLU A 134 -12.93 7.79 -24.23
CA GLU A 134 -13.70 7.01 -25.22
C GLU A 134 -13.75 7.85 -26.53
N VAL A 135 -13.29 7.16 -27.61
CA VAL A 135 -13.36 7.72 -28.89
C VAL A 135 -14.69 7.22 -29.56
N ASP A 136 -15.48 8.18 -30.06
CA ASP A 136 -16.82 7.81 -30.74
C ASP A 136 -16.51 7.32 -32.17
N ILE A 137 -16.17 6.03 -32.26
CA ILE A 137 -15.79 5.36 -33.52
C ILE A 137 -16.29 3.95 -33.34
N GLY A 138 -16.89 3.45 -34.42
CA GLY A 138 -17.44 2.07 -34.45
C GLY A 138 -16.50 1.06 -35.03
N LEU A 139 -15.80 0.35 -34.12
CA LEU A 139 -14.77 -0.66 -34.44
C LEU A 139 -15.07 -1.95 -33.71
N PRO A 140 -16.00 -2.76 -34.18
CA PRO A 140 -16.33 -3.99 -33.47
C PRO A 140 -15.04 -4.86 -33.30
N ARG A 141 -14.92 -5.52 -32.14
CA ARG A 141 -13.65 -6.22 -31.81
C ARG A 141 -13.37 -7.32 -32.82
N GLU A 142 -12.11 -7.48 -33.16
CA GLU A 142 -11.66 -8.55 -34.07
C GLU A 142 -10.55 -9.33 -33.35
N ALA A 143 -10.38 -10.60 -33.74
CA ALA A 143 -9.23 -11.38 -33.27
C ALA A 143 -7.93 -10.59 -33.42
N GLY A 144 -7.06 -10.61 -32.39
CA GLY A 144 -5.81 -9.83 -32.45
C GLY A 144 -5.84 -8.38 -31.88
N ASP A 145 -7.08 -7.81 -31.65
CA ASP A 145 -7.12 -6.45 -31.13
C ASP A 145 -6.56 -6.44 -29.72
N ALA A 146 -5.94 -5.31 -29.36
CA ALA A 146 -5.73 -4.92 -27.96
C ALA A 146 -7.01 -4.32 -27.41
N LEU A 147 -7.43 -4.82 -26.22
CA LEU A 147 -8.68 -4.45 -25.57
C LEU A 147 -8.50 -3.71 -24.24
N ALA A 148 -9.49 -2.93 -23.95
CA ALA A 148 -9.53 -2.19 -22.71
C ALA A 148 -9.68 -3.14 -21.52
N PRO A 149 -9.03 -2.82 -20.37
CA PRO A 149 -9.39 -3.51 -19.11
C PRO A 149 -10.91 -3.42 -18.86
N VAL A 150 -11.47 -4.51 -18.32
CA VAL A 150 -12.86 -4.55 -18.04
C VAL A 150 -13.11 -4.12 -16.62
N LEU A 151 -13.87 -3.00 -16.41
CA LEU A 151 -14.26 -2.59 -15.08
C LEU A 151 -15.53 -3.31 -14.59
N ASP A 152 -16.03 -2.89 -13.47
CA ASP A 152 -17.28 -3.52 -12.94
C ASP A 152 -17.93 -2.50 -12.11
N GLU A 153 -19.05 -2.90 -11.44
CA GLU A 153 -19.84 -1.90 -10.70
C GLU A 153 -19.26 -1.33 -9.39
N THR A 154 -18.11 -1.81 -8.94
CA THR A 154 -17.49 -1.25 -7.77
C THR A 154 -16.69 0.00 -8.14
N TRP A 155 -16.43 0.20 -9.42
CA TRP A 155 -15.84 1.46 -9.86
C TRP A 155 -16.94 2.56 -9.95
N ARG A 156 -16.63 3.82 -9.57
CA ARG A 156 -17.58 4.92 -9.64
C ARG A 156 -16.93 6.17 -10.21
N GLY A 157 -17.71 7.04 -10.83
CA GLY A 157 -17.20 8.38 -11.12
C GLY A 157 -17.91 8.99 -12.28
N GLU A 158 -17.18 9.88 -12.97
CA GLU A 158 -17.82 10.79 -13.94
C GLU A 158 -17.50 10.35 -15.33
N THR A 159 -18.55 10.31 -16.13
CA THR A 159 -18.44 10.18 -17.63
C THR A 159 -18.80 11.53 -18.24
N GLY A 160 -17.83 12.16 -18.89
CA GLY A 160 -17.96 13.57 -19.29
C GLY A 160 -18.79 13.69 -20.56
N GLU A 161 -19.01 14.91 -20.94
CA GLU A 161 -19.74 15.24 -22.17
C GLU A 161 -18.88 14.96 -23.41
N TRP A 162 -19.54 14.64 -24.52
CA TRP A 162 -18.86 14.50 -25.79
C TRP A 162 -18.38 15.84 -26.22
N ARG A 163 -17.18 15.87 -26.83
CA ARG A 163 -16.72 17.06 -27.53
CA ARG A 163 -16.76 17.06 -27.57
C ARG A 163 -15.99 16.75 -28.79
N PHE A 164 -15.89 17.76 -29.66
CA PHE A 164 -15.19 17.46 -30.95
C PHE A 164 -13.70 17.86 -30.85
N SER A 165 -12.86 17.03 -31.42
CA SER A 165 -11.48 17.39 -31.60
C SER A 165 -11.42 18.45 -32.70
N ARG A 166 -10.27 19.08 -32.93
CA ARG A 166 -10.07 19.94 -34.09
C ARG A 166 -10.41 19.22 -35.42
N SER A 167 -10.15 17.91 -35.61
CA SER A 167 -10.46 17.20 -36.83
C SER A 167 -11.98 16.87 -36.94
N GLY A 168 -12.79 17.00 -35.90
CA GLY A 168 -14.19 16.57 -35.91
C GLY A 168 -14.39 15.16 -35.31
N LEU A 169 -13.35 14.42 -34.92
CA LEU A 169 -13.46 13.21 -34.16
C LEU A 169 -14.00 13.51 -32.77
N ARG A 170 -15.06 12.82 -32.36
CA ARG A 170 -15.68 13.07 -31.07
C ARG A 170 -15.06 12.17 -29.99
N TYR A 171 -14.94 12.70 -28.75
CA TYR A 171 -14.40 11.90 -27.66
C TYR A 171 -14.98 12.41 -26.33
N ARG A 172 -14.85 11.62 -25.28
CA ARG A 172 -15.28 12.03 -23.95
C ARG A 172 -14.33 11.35 -22.97
N LEU A 173 -14.37 11.81 -21.74
CA LEU A 173 -13.49 11.36 -20.68
C LEU A 173 -14.22 10.62 -19.56
N TYR A 174 -13.61 9.51 -19.10
CA TYR A 174 -14.08 8.86 -17.90
C TYR A 174 -13.06 9.12 -16.77
N SER A 175 -13.53 9.42 -15.58
CA SER A 175 -12.64 9.59 -14.41
CA SER A 175 -12.64 9.57 -14.41
C SER A 175 -13.26 8.76 -13.31
N TYR A 176 -12.77 7.52 -13.14
CA TYR A 176 -13.39 6.57 -12.19
C TYR A 176 -12.43 6.27 -11.05
N HIS A 177 -12.99 5.78 -9.93
CA HIS A 177 -12.25 5.52 -8.68
C HIS A 177 -12.92 4.36 -7.93
N ARG A 178 -12.11 3.82 -7.05
CA ARG A 178 -12.64 2.87 -6.06
C ARG A 178 -11.72 2.93 -4.85
N SER A 179 -12.19 2.30 -3.77
CA SER A 179 -11.38 2.38 -2.52
C SER A 179 -10.30 1.30 -2.69
N HIS B 20 -0.95 3.25 3.15
CA HIS B 20 -1.30 2.69 4.46
C HIS B 20 -0.06 2.46 5.35
N MET B 21 0.19 3.36 6.33
CA MET B 21 1.43 3.38 7.15
C MET B 21 1.27 2.37 8.32
N VAL B 22 2.05 1.31 8.30
CA VAL B 22 2.00 0.23 9.29
C VAL B 22 3.18 0.40 10.27
N GLY B 23 2.88 0.51 11.53
CA GLY B 23 3.85 0.57 12.60
C GLY B 23 3.73 -0.56 13.57
N LEU B 24 4.81 -0.85 14.28
CA LEU B 24 4.81 -1.83 15.41
C LEU B 24 5.14 -1.06 16.66
N ILE B 25 4.45 -1.42 17.76
CA ILE B 25 4.74 -0.77 19.06
C ILE B 25 4.84 -1.80 20.16
N TRP B 26 5.93 -1.73 20.94
CA TRP B 26 6.12 -2.66 22.03
C TRP B 26 7.00 -2.05 23.14
N ALA B 27 7.05 -2.71 24.28
CA ALA B 27 7.95 -2.33 25.43
C ALA B 27 8.66 -3.66 25.80
N GLN B 28 10.00 -3.58 25.86
CA GLN B 28 10.80 -4.69 26.17
C GLN B 28 11.83 -4.38 27.31
N ALA B 29 12.23 -5.42 28.10
CA ALA B 29 13.46 -5.28 28.87
C ALA B 29 14.65 -5.15 27.90
N THR B 30 15.82 -4.81 28.43
CA THR B 30 17.01 -4.82 27.58
C THR B 30 17.19 -6.14 26.86
N SER B 31 16.88 -7.28 27.49
CA SER B 31 17.10 -8.62 26.92
C SER B 31 16.14 -8.88 25.73
N GLY B 32 15.05 -8.18 25.58
CA GLY B 32 14.02 -8.53 24.57
C GLY B 32 12.79 -9.15 25.20
N VAL B 33 12.70 -9.32 26.53
CA VAL B 33 11.50 -9.84 27.15
C VAL B 33 10.37 -8.81 27.10
N ILE B 34 9.24 -9.20 26.51
CA ILE B 34 8.02 -8.35 26.46
C ILE B 34 6.91 -8.77 27.42
N GLY B 35 6.93 -10.06 27.76
CA GLY B 35 5.85 -10.59 28.59
C GLY B 35 6.51 -11.72 29.39
N ARG B 36 6.00 -11.93 30.60
CA ARG B 36 6.54 -12.90 31.52
C ARG B 36 5.38 -13.50 32.23
N GLY B 37 5.15 -14.80 31.96
CA GLY B 37 3.95 -15.49 32.50
C GLY B 37 2.62 -14.91 32.07
N GLY B 38 2.58 -14.26 30.94
CA GLY B 38 1.36 -13.56 30.61
C GLY B 38 1.24 -12.13 31.09
N ASP B 39 2.23 -11.61 31.84
CA ASP B 39 2.19 -10.25 32.36
C ASP B 39 3.16 -9.22 31.76
N ILE B 40 2.85 -7.94 31.76
CA ILE B 40 3.90 -6.96 31.47
C ILE B 40 4.85 -7.18 32.70
N PRO B 41 6.15 -7.34 32.50
CA PRO B 41 7.09 -7.78 33.54
C PRO B 41 7.59 -6.66 34.51
N TRP B 42 6.99 -5.48 34.55
CA TRP B 42 7.32 -4.31 35.33
C TRP B 42 6.04 -3.50 35.47
N ARG B 43 6.08 -2.46 36.28
CA ARG B 43 5.02 -1.46 36.39
C ARG B 43 5.55 -0.12 35.94
N LEU B 44 4.96 0.44 34.88
CA LEU B 44 5.47 1.64 34.26
C LEU B 44 4.33 2.48 33.67
N PRO B 45 3.65 3.26 34.50
CA PRO B 45 2.47 4.11 34.09
C PRO B 45 2.83 5.02 32.95
N GLU B 46 4.06 5.55 32.94
CA GLU B 46 4.52 6.38 31.92
C GLU B 46 4.50 5.69 30.54
N ASP B 47 4.62 4.37 30.46
CA ASP B 47 4.56 3.69 29.20
C ASP B 47 3.10 3.47 28.81
N GLN B 48 2.16 3.42 29.75
CA GLN B 48 0.73 3.43 29.37
C GLN B 48 0.37 4.72 28.69
N ALA B 49 0.94 5.84 29.20
CA ALA B 49 0.67 7.10 28.59
C ALA B 49 1.33 7.17 27.19
N HIS B 50 2.56 6.64 27.06
CA HIS B 50 3.22 6.67 25.80
C HIS B 50 2.50 5.82 24.73
N PHE B 51 2.04 4.66 25.15
CA PHE B 51 1.24 3.79 24.26
C PHE B 51 0.06 4.61 23.69
N ARG B 52 -0.67 5.28 24.59
CA ARG B 52 -1.80 6.12 24.10
C ARG B 52 -1.36 7.19 23.19
N GLU B 53 -0.25 7.83 23.54
CA GLU B 53 0.30 8.91 22.72
C GLU B 53 0.48 8.54 21.26
N ILE B 54 1.04 7.35 21.11
CA ILE B 54 1.33 6.83 19.76
C ILE B 54 0.05 6.31 19.05
N THR B 55 -0.83 5.57 19.74
CA THR B 55 -1.92 4.87 19.06
C THR B 55 -3.22 5.64 18.95
N MET B 56 -3.47 6.61 19.85
CA MET B 56 -4.76 7.33 19.89
C MET B 56 -5.14 7.96 18.53
N GLY B 57 -6.38 7.75 18.13
CA GLY B 57 -6.94 8.22 16.84
C GLY B 57 -6.56 7.42 15.62
N HIS B 58 -5.91 6.32 15.84
CA HIS B 58 -5.47 5.45 14.72
C HIS B 58 -6.08 4.06 14.87
N THR B 59 -5.80 3.13 13.99
CA THR B 59 -6.15 1.71 14.04
C THR B 59 -5.12 1.01 14.90
N ILE B 60 -5.60 0.18 15.81
CA ILE B 60 -4.75 -0.86 16.41
C ILE B 60 -5.08 -2.30 15.97
N VAL B 61 -4.08 -3.10 15.66
CA VAL B 61 -4.25 -4.48 15.24
C VAL B 61 -3.61 -5.38 16.25
N MET B 62 -4.39 -6.41 16.69
CA MET B 62 -3.91 -7.34 17.70
C MET B 62 -4.32 -8.70 17.33
N GLY B 63 -3.59 -9.71 17.73
CA GLY B 63 -4.07 -11.09 17.54
C GLY B 63 -5.17 -11.45 18.54
N ARG B 64 -5.90 -12.53 18.26
CA ARG B 64 -7.04 -12.93 19.10
C ARG B 64 -6.57 -13.23 20.52
N ARG B 65 -5.41 -13.84 20.71
CA ARG B 65 -5.05 -14.14 22.08
C ARG B 65 -4.76 -12.85 22.88
N THR B 66 -4.17 -11.85 22.26
CA THR B 66 -3.99 -10.56 22.87
C THR B 66 -5.34 -9.96 23.26
N TRP B 67 -6.31 -9.92 22.34
CA TRP B 67 -7.65 -9.45 22.71
C TRP B 67 -8.21 -10.24 23.90
N ASP B 68 -8.11 -11.56 23.85
CA ASP B 68 -8.58 -12.40 24.93
C ASP B 68 -7.96 -12.04 26.32
N SER B 69 -6.72 -11.58 26.31
CA SER B 69 -5.95 -11.27 27.54
C SER B 69 -6.33 -9.92 28.15
N LEU B 70 -6.96 -9.03 27.39
CA LEU B 70 -7.33 -7.72 27.91
C LEU B 70 -8.58 -7.90 28.78
N PRO B 71 -8.64 -7.15 29.87
CA PRO B 71 -9.90 -7.25 30.67
C PRO B 71 -11.14 -6.97 29.84
N ALA B 72 -12.21 -7.59 30.30
CA ALA B 72 -13.47 -7.50 29.56
C ALA B 72 -13.98 -6.07 29.52
N LYS B 73 -13.77 -5.27 30.60
CA LYS B 73 -14.25 -3.87 30.72
C LYS B 73 -13.24 -2.82 30.18
N VAL B 74 -12.14 -3.30 29.65
CA VAL B 74 -11.10 -2.48 29.12
C VAL B 74 -11.05 -2.49 27.56
N ARG B 75 -11.42 -3.62 27.01
CA ARG B 75 -11.49 -3.87 25.52
C ARG B 75 -12.88 -3.50 24.98
N PRO B 76 -13.02 -2.87 23.80
CA PRO B 76 -11.96 -2.32 22.97
C PRO B 76 -11.31 -1.11 23.61
N LEU B 77 -10.03 -0.94 23.28
CA LEU B 77 -9.33 0.24 23.80
C LEU B 77 -9.94 1.56 23.18
N PRO B 78 -10.33 2.53 24.02
CA PRO B 78 -11.14 3.65 23.48
C PRO B 78 -10.36 4.54 22.55
N GLY B 79 -11.10 5.23 21.68
CA GLY B 79 -10.48 6.29 20.82
C GLY B 79 -9.67 5.78 19.67
N ARG B 80 -9.71 4.45 19.39
CA ARG B 80 -8.94 3.77 18.36
C ARG B 80 -9.87 2.78 17.70
N ARG B 81 -9.70 2.59 16.43
CA ARG B 81 -10.36 1.55 15.67
C ARG B 81 -9.66 0.20 16.04
N ASN B 82 -10.31 -0.68 16.81
CA ASN B 82 -9.68 -1.98 17.21
C ASN B 82 -9.92 -3.05 16.16
N VAL B 83 -8.87 -3.69 15.68
CA VAL B 83 -8.91 -4.88 14.72
C VAL B 83 -8.32 -6.06 15.41
N VAL B 84 -9.09 -7.13 15.45
CA VAL B 84 -8.68 -8.43 16.03
C VAL B 84 -8.47 -9.38 14.84
N LEU B 85 -7.27 -9.96 14.73
CA LEU B 85 -7.05 -11.07 13.79
C LEU B 85 -7.46 -12.42 14.32
N SER B 86 -8.31 -13.16 13.63
CA SER B 86 -8.66 -14.53 14.03
C SER B 86 -8.92 -15.32 12.74
N ARG B 87 -8.69 -16.64 12.80
CA ARG B 87 -9.09 -17.50 11.69
C ARG B 87 -10.44 -18.18 12.03
N GLN B 88 -11.08 -17.80 13.13
CA GLN B 88 -12.39 -18.31 13.51
CA GLN B 88 -12.40 -18.32 13.54
C GLN B 88 -13.47 -17.39 13.03
N ALA B 89 -14.23 -17.81 11.99
CA ALA B 89 -15.27 -16.94 11.43
C ALA B 89 -16.32 -16.42 12.40
N ASP B 90 -16.60 -17.19 13.44
CA ASP B 90 -17.63 -16.84 14.40
C ASP B 90 -17.08 -16.14 15.68
N PHE B 91 -15.81 -15.73 15.70
CA PHE B 91 -15.22 -15.08 16.88
C PHE B 91 -15.94 -13.78 17.23
N MET B 92 -16.30 -13.58 18.50
CA MET B 92 -16.93 -12.36 18.94
C MET B 92 -15.92 -11.45 19.60
N ALA B 93 -15.85 -10.20 19.13
CA ALA B 93 -15.04 -9.14 19.74
C ALA B 93 -15.90 -7.92 19.71
N SER B 94 -16.72 -7.79 20.74
CA SER B 94 -17.63 -6.67 20.83
C SER B 94 -16.94 -5.29 20.82
N GLY B 95 -17.34 -4.45 19.87
CA GLY B 95 -16.85 -3.08 19.82
C GLY B 95 -15.61 -3.06 18.92
N ALA B 96 -15.11 -4.22 18.40
CA ALA B 96 -13.98 -4.24 17.45
C ALA B 96 -14.49 -4.93 16.14
N GLU B 97 -13.60 -5.03 15.19
CA GLU B 97 -13.84 -5.80 13.99
C GLU B 97 -12.88 -6.98 13.92
N VAL B 98 -13.37 -8.07 13.34
CA VAL B 98 -12.59 -9.34 13.25
C VAL B 98 -12.24 -9.57 11.84
N VAL B 99 -10.93 -9.73 11.58
CA VAL B 99 -10.47 -9.94 10.22
CA VAL B 99 -10.39 -9.85 10.24
C VAL B 99 -9.64 -11.19 10.15
N GLY B 100 -9.78 -11.88 9.04
CA GLY B 100 -9.18 -13.22 8.87
C GLY B 100 -7.85 -13.35 8.13
N SER B 101 -7.29 -12.20 7.76
CA SER B 101 -5.98 -12.21 7.19
C SER B 101 -5.28 -10.91 7.61
N LEU B 102 -3.95 -10.96 7.63
CA LEU B 102 -3.16 -9.83 8.04
C LEU B 102 -3.31 -8.67 7.01
N GLU B 103 -3.34 -9.03 5.71
CA GLU B 103 -3.37 -8.02 4.68
C GLU B 103 -4.62 -7.21 4.79
N GLU B 104 -5.75 -7.87 5.04
CA GLU B 104 -6.95 -7.06 5.21
C GLU B 104 -6.90 -6.16 6.43
N ALA B 105 -6.22 -6.62 7.50
CA ALA B 105 -6.12 -5.78 8.72
C ALA B 105 -5.23 -4.55 8.59
N LEU B 106 -4.42 -4.46 7.50
CA LEU B 106 -3.44 -3.36 7.33
C LEU B 106 -3.98 -2.32 6.32
N THR B 107 -5.28 -2.35 6.02
CA THR B 107 -5.79 -1.42 5.01
C THR B 107 -6.21 -0.02 5.48
N SER B 108 -6.20 0.22 6.82
CA SER B 108 -6.50 1.55 7.47
C SER B 108 -5.42 2.51 7.01
N PRO B 109 -5.64 3.81 7.11
CA PRO B 109 -4.59 4.78 6.76
C PRO B 109 -3.34 4.70 7.64
N GLU B 110 -3.56 4.49 8.92
CA GLU B 110 -2.43 4.39 9.86
C GLU B 110 -2.74 3.31 10.89
N THR B 111 -1.90 2.28 10.95
CA THR B 111 -2.14 1.08 11.72
C THR B 111 -0.98 0.86 12.68
N TRP B 112 -1.27 0.64 13.98
CA TRP B 112 -0.25 0.21 14.99
C TRP B 112 -0.52 -1.23 15.35
N VAL B 113 0.44 -2.17 15.17
CA VAL B 113 0.35 -3.55 15.57
C VAL B 113 0.87 -3.60 16.98
N ILE B 114 0.05 -4.19 17.86
CA ILE B 114 0.33 -4.18 19.29
C ILE B 114 0.58 -5.52 19.92
N GLY B 115 0.55 -6.57 19.17
CA GLY B 115 0.89 -7.93 19.62
C GLY B 115 -0.03 -8.97 19.08
N GLY B 116 0.23 -10.25 19.28
CA GLY B 116 1.38 -10.81 19.99
C GLY B 116 2.40 -11.35 19.00
N GLY B 117 3.13 -12.36 19.47
CA GLY B 117 4.21 -12.98 18.80
C GLY B 117 4.91 -12.52 17.59
N GLN B 118 4.58 -13.06 16.42
CA GLN B 118 3.36 -13.92 15.94
C GLN B 118 2.41 -13.23 14.91
N VAL B 119 1.50 -12.37 15.36
CA VAL B 119 1.07 -11.21 14.53
C VAL B 119 2.33 -10.36 14.21
N TYR B 120 3.22 -10.14 15.17
CA TYR B 120 4.44 -9.32 14.85
C TYR B 120 5.28 -10.04 13.76
N ALA B 121 5.33 -11.38 13.80
CA ALA B 121 6.12 -12.16 12.83
C ALA B 121 5.65 -11.85 11.44
N LEU B 122 4.34 -11.78 11.27
CA LEU B 122 3.81 -11.63 9.91
C LEU B 122 3.74 -10.18 9.50
N ALA B 123 3.62 -9.31 10.50
CA ALA B 123 3.45 -7.89 10.24
C ALA B 123 4.77 -7.18 9.99
N LEU B 124 5.87 -7.73 10.51
CA LEU B 124 7.18 -7.05 10.42
C LEU B 124 7.58 -6.58 8.99
N PRO B 125 7.48 -7.52 8.01
CA PRO B 125 7.81 -7.11 6.63
C PRO B 125 7.00 -5.93 6.03
N TYR B 126 5.79 -5.75 6.55
CA TYR B 126 4.95 -4.64 6.17
C TYR B 126 5.27 -3.30 6.84
N ALA B 127 5.95 -3.39 8.00
CA ALA B 127 6.09 -2.22 8.85
C ALA B 127 7.17 -1.28 8.36
N THR B 128 6.90 0.01 8.50
CA THR B 128 7.86 1.10 8.18
C THR B 128 8.17 2.01 9.38
N ARG B 129 7.49 1.74 10.54
CA ARG B 129 7.87 2.40 11.80
C ARG B 129 7.82 1.42 12.94
N CYS B 130 8.73 1.65 13.93
CA CYS B 130 8.62 1.02 15.23
C CYS B 130 8.75 2.09 16.29
N GLU B 131 7.88 1.97 17.31
CA GLU B 131 7.94 2.80 18.56
C GLU B 131 8.11 1.80 19.66
N VAL B 132 9.28 1.88 20.29
CA VAL B 132 9.64 0.92 21.31
C VAL B 132 9.97 1.64 22.64
N THR B 133 9.64 0.98 23.76
CA THR B 133 10.17 1.44 25.02
C THR B 133 11.11 0.35 25.46
N GLU B 134 12.36 0.73 25.81
CA GLU B 134 13.31 -0.23 26.46
C GLU B 134 13.35 0.10 27.96
N VAL B 135 13.01 -0.89 28.78
CA VAL B 135 13.05 -0.74 30.23
C VAL B 135 14.42 -1.31 30.70
N ASP B 136 15.08 -0.46 31.46
CA ASP B 136 16.49 -0.77 31.97
C ASP B 136 16.32 -1.69 33.15
N ILE B 137 16.11 -2.96 32.83
CA ILE B 137 15.91 -3.99 33.83
C ILE B 137 16.62 -5.25 33.29
N GLY B 138 17.38 -5.98 34.11
CA GLY B 138 18.06 -7.16 33.67
C GLY B 138 17.24 -8.37 33.94
N LEU B 139 16.40 -8.72 33.00
CA LEU B 139 15.57 -9.94 33.03
C LEU B 139 16.00 -10.85 31.90
N PRO B 140 16.85 -11.87 32.18
CA PRO B 140 17.23 -12.76 31.13
C PRO B 140 16.04 -13.56 30.61
N ARG B 141 16.05 -13.80 29.31
CA ARG B 141 14.97 -14.57 28.63
C ARG B 141 14.79 -15.97 29.29
N GLU B 142 13.56 -16.39 29.51
CA GLU B 142 13.35 -17.70 30.12
C GLU B 142 12.06 -18.30 29.52
N ALA B 143 11.82 -19.59 29.80
CA ALA B 143 10.60 -20.26 29.29
C ALA B 143 9.34 -19.50 29.88
N GLY B 144 8.37 -19.31 29.03
CA GLY B 144 7.17 -18.56 29.36
C GLY B 144 7.16 -17.11 29.02
N ASP B 145 8.33 -16.66 28.52
CA ASP B 145 8.43 -15.24 28.08
C ASP B 145 8.02 -15.03 26.63
N ALA B 146 7.36 -13.94 26.40
CA ALA B 146 7.17 -13.42 25.09
C ALA B 146 8.36 -12.52 24.75
N LEU B 147 8.73 -12.49 23.48
CA LEU B 147 9.98 -11.88 23.05
C LEU B 147 9.77 -10.87 21.99
N ALA B 148 10.59 -9.83 22.00
CA ALA B 148 10.48 -8.76 21.01
C ALA B 148 10.82 -9.16 19.59
N PRO B 149 10.17 -8.58 18.58
CA PRO B 149 10.66 -8.72 17.21
C PRO B 149 12.13 -8.30 17.10
N VAL B 150 12.88 -8.96 16.22
CA VAL B 150 14.24 -8.65 16.00
C VAL B 150 14.39 -7.65 14.85
N LEU B 151 14.93 -6.46 15.13
CA LEU B 151 15.19 -5.49 14.10
C LEU B 151 16.54 -5.67 13.50
N ASP B 152 16.77 -5.13 12.34
CA ASP B 152 18.06 -5.28 11.68
C ASP B 152 18.52 -3.92 11.21
N GLU B 153 19.68 -3.85 10.52
CA GLU B 153 20.29 -2.56 10.17
C GLU B 153 19.59 -1.83 9.00
N THR B 154 18.49 -2.42 8.49
CA THR B 154 17.59 -1.65 7.55
C THR B 154 16.79 -0.54 8.31
N TRP B 155 16.66 -0.71 9.62
CA TRP B 155 15.96 0.28 10.42
C TRP B 155 16.89 1.42 10.85
N ARG B 156 16.35 2.63 10.93
CA ARG B 156 17.12 3.81 11.39
C ARG B 156 16.28 4.71 12.29
N GLY B 157 16.93 5.41 13.19
CA GLY B 157 16.22 6.47 13.92
C GLY B 157 16.86 6.72 15.27
N GLU B 158 16.03 7.23 16.18
CA GLU B 158 16.52 7.80 17.42
C GLU B 158 16.32 6.87 18.57
N THR B 159 17.40 6.68 19.35
CA THR B 159 17.33 6.02 20.68
C THR B 159 17.44 7.15 21.69
N GLY B 160 16.37 7.42 22.47
CA GLY B 160 16.34 8.53 23.35
C GLY B 160 17.20 8.34 24.60
N GLU B 161 17.28 9.44 25.30
CA GLU B 161 17.99 9.49 26.60
C GLU B 161 17.18 8.71 27.66
N TRP B 162 17.89 8.15 28.61
CA TRP B 162 17.24 7.51 29.78
C TRP B 162 16.46 8.50 30.57
N ARG B 163 15.32 8.02 31.02
CA ARG B 163 14.45 8.74 31.90
C ARG B 163 14.03 7.91 33.12
N PHE B 164 13.94 8.57 34.29
CA PHE B 164 13.26 7.82 35.42
C PHE B 164 11.74 7.94 35.40
N SER B 165 11.04 6.86 35.74
CA SER B 165 9.61 6.98 36.01
C SER B 165 9.50 7.59 37.39
N ARG B 166 8.30 7.98 37.81
CA ARG B 166 8.07 8.45 39.16
C ARG B 166 8.52 7.47 40.22
N SER B 167 8.45 6.17 39.91
CA SER B 167 8.88 5.17 40.85
C SER B 167 10.36 4.86 40.84
N GLY B 168 11.09 5.37 39.87
CA GLY B 168 12.53 5.17 39.77
C GLY B 168 12.94 4.03 38.87
N LEU B 169 11.99 3.54 38.10
CA LEU B 169 12.33 2.60 37.04
C LEU B 169 12.85 3.39 35.79
N ARG B 170 13.96 2.97 35.21
CA ARG B 170 14.60 3.76 34.16
C ARG B 170 14.15 3.20 32.82
N TYR B 171 13.91 4.05 31.84
CA TYR B 171 13.48 3.54 30.51
C TYR B 171 13.93 4.57 29.44
N ARG B 172 13.79 4.16 28.18
CA ARG B 172 14.06 5.12 27.10
C ARG B 172 13.22 4.69 25.90
N LEU B 173 13.14 5.60 24.91
CA LEU B 173 12.26 5.34 23.76
C LEU B 173 13.07 5.21 22.50
N TYR B 174 12.70 4.24 21.69
CA TYR B 174 13.22 4.10 20.28
C TYR B 174 12.11 4.62 19.33
N SER B 175 12.49 5.42 18.34
CA SER B 175 11.58 5.79 17.27
CA SER B 175 11.59 5.80 17.28
C SER B 175 12.32 5.50 15.99
N TYR B 176 12.03 4.38 15.35
CA TYR B 176 12.78 3.81 14.16
C TYR B 176 11.85 3.80 12.98
N HIS B 177 12.46 3.81 11.79
CA HIS B 177 11.70 3.88 10.55
C HIS B 177 12.51 3.29 9.44
N ARG B 178 11.82 2.89 8.33
CA ARG B 178 12.46 2.48 7.15
C ARG B 178 11.53 2.79 5.99
N SER B 179 12.05 2.70 4.76
CA SER B 179 11.16 3.13 3.65
C SER B 179 10.27 1.86 3.38
PB ATR C . 1.34 -6.78 -24.54
O1B ATR C . 1.69 -7.73 -25.68
O2B ATR C . 0.34 -7.31 -23.53
O3B ATR C . 0.93 -5.39 -24.96
PA ATR C . 3.15 -5.51 -22.58
O1A ATR C . 2.14 -5.65 -21.48
O2A ATR C . 3.49 -4.18 -23.03
O3A ATR C . 2.71 -6.48 -23.79
O5' ATR C . 4.57 -6.21 -22.26
C5' ATR C . 4.69 -7.65 -22.03
C4' ATR C . 5.98 -7.92 -21.29
O4' ATR C . 5.98 -7.42 -19.91
C3' ATR C . 6.32 -9.35 -21.21
O3' ATR C . 6.75 -9.93 -22.44
C2' ATR C . 7.41 -9.30 -20.13
O2' ATR C . 8.61 -8.74 -20.63
P2' ATR C . 9.81 -9.72 -21.13
O1P ATR C . 10.93 -8.76 -21.45
O2P ATR C . 9.24 -10.43 -22.36
O3P ATR C . 10.15 -10.64 -19.97
C1' ATR C . 6.80 -8.29 -19.11
N9 ATR C . 6.02 -9.01 -18.08
C8 ATR C . 4.75 -9.45 -18.17
N7 ATR C . 4.40 -10.17 -17.12
C5 ATR C . 5.44 -10.18 -16.27
C6 ATR C . 5.71 -10.65 -15.01
N6 ATR C . 4.79 -11.39 -14.30
N1 ATR C . 6.92 -10.40 -14.48
C2 ATR C . 7.88 -9.69 -15.15
N3 ATR C . 7.72 -9.16 -16.38
C4 ATR C . 6.51 -9.36 -16.91
OH2 ETE D . -21.36 5.51 -2.71
C12 ETE D . -21.28 4.05 -2.73
C22 ETE D . -22.53 3.60 -3.38
OH3 ETE D . -22.96 2.33 -2.90
C13 ETE D . -24.80 2.01 -4.29
C23 ETE D . -23.42 1.58 -3.96
OH4 ETE D . -25.28 0.89 -4.94
C14 ETE D . -24.88 0.59 -7.19
C24 ETE D . -25.71 1.32 -6.20
OH5 ETE D . -24.63 -0.68 -6.64
C15 ETE D . -24.06 -2.58 -7.69
C25 ETE D . -24.95 -1.41 -7.78
OH6 ETE D . -22.78 -2.33 -7.02
C26 ETE D . -22.76 -3.30 -5.96
PB ATR E . 0.54 -14.90 20.88
O1B ATR E . 0.90 -13.75 21.69
O2B ATR E . 1.59 -15.01 19.78
O3B ATR E . 0.39 -16.11 21.69
PA ATR E . -1.52 -13.36 19.45
O1A ATR E . -2.02 -12.27 20.23
O2A ATR E . -0.60 -13.02 18.31
O3A ATR E . -0.90 -14.51 20.38
O5' ATR E . -2.79 -14.10 18.84
C5' ATR E . -2.60 -15.27 18.06
C4' ATR E . -3.88 -15.50 17.36
O4' ATR E . -4.22 -14.44 16.48
C3' ATR E . -3.92 -16.76 16.55
O3' ATR E . -4.16 -17.98 17.30
C2' ATR E . -5.09 -16.50 15.56
O2' ATR E . -6.39 -16.44 16.19
P2' ATR E . -7.35 -17.74 16.28
O1P ATR E . -8.60 -17.18 16.90
O2P ATR E . -6.64 -18.77 17.18
O3P ATR E . -7.54 -18.26 14.87
C1' ATR E . -4.82 -15.02 15.29
N9 ATR E . -3.93 -14.65 14.14
C8 ATR E . -2.62 -14.36 14.30
N7 ATR E . -2.13 -14.05 13.07
C5 ATR E . -3.16 -14.16 12.13
C6 ATR E . -3.34 -13.95 10.78
N6 ATR E . -2.32 -13.59 9.96
N1 ATR E . -4.59 -14.13 10.24
C2 ATR E . -5.62 -14.51 11.00
N3 ATR E . -5.54 -14.72 12.30
C4 ATR E . -4.33 -14.53 12.88
#